data_2VD3
#
_entry.id   2VD3
#
_cell.length_a   112.103
_cell.length_b   112.103
_cell.length_c   247.622
_cell.angle_alpha   90.00
_cell.angle_beta   90.00
_cell.angle_gamma   120.00
#
_symmetry.space_group_name_H-M   'H 3 2'
#
loop_
_entity.id
_entity.type
_entity.pdbx_description
1 polymer 'ATP PHOSPHORIBOSYLTRANSFERASE'
2 non-polymer HISTIDINE
3 non-polymer 'CHLORIDE ION'
4 non-polymer IMIDAZOLE
5 non-polymer 'MAGNESIUM ION'
6 non-polymer (4S)-2-METHYL-2,4-PENTANEDIOL
7 non-polymer (4R)-2-METHYLPENTANE-2,4-DIOL
8 water water
#
_entity_poly.entity_id   1
_entity_poly.type   'polypeptide(L)'
_entity_poly.pdbx_seq_one_letter_code
;AVPKIRIAVPSKGRISEPAIRLLENAGVGLKDTVNRKLFSKTQHPQIEVMFSRAADIPEFVADGAADLGITGYDLIVERG
SDVEILEDLKYGRASLVLAAPEDSTIRGPEDIPRGAVIATEFPGITENYLREHGIDAEVVELTGSTEIAPFIGVADLITD
LSSTGTTLRMNHLRVIDTILESSVKLIANRESYATKSGIIEELRTGIRGVIDAEGKRLVMLNIDRKNLDRVRALMPGMTG
PTVSEVLSDNGVVAVHAVVDEKEVFNLINRLKAVGARDILVVPIERIIP
;
_entity_poly.pdbx_strand_id   A,B
#
loop_
_chem_comp.id
_chem_comp.type
_chem_comp.name
_chem_comp.formula
CL non-polymer 'CHLORIDE ION' 'Cl -1'
IMD non-polymer IMIDAZOLE 'C3 H5 N2 1'
MG non-polymer 'MAGNESIUM ION' 'Mg 2'
MPD non-polymer (4S)-2-METHYL-2,4-PENTANEDIOL 'C6 H14 O2'
MRD non-polymer (4R)-2-METHYLPENTANE-2,4-DIOL 'C6 H14 O2'
#
# COMPACT_ATOMS: atom_id res chain seq x y z
N ALA A 1 13.26 1.81 37.57
CA ALA A 1 14.45 0.99 37.93
C ALA A 1 15.45 0.86 36.78
N VAL A 2 15.01 0.18 35.71
CA VAL A 2 15.86 -0.19 34.56
C VAL A 2 15.08 0.02 33.24
N PRO A 3 15.73 0.57 32.20
CA PRO A 3 14.99 0.97 31.00
C PRO A 3 14.86 -0.10 29.93
N LYS A 4 13.66 -0.17 29.36
CA LYS A 4 13.36 -1.02 28.20
C LYS A 4 13.41 -0.18 26.92
N ILE A 5 13.83 -0.81 25.83
CA ILE A 5 13.71 -0.18 24.52
C ILE A 5 12.86 -0.98 23.54
N ARG A 6 12.21 -0.25 22.65
CA ARG A 6 11.39 -0.83 21.61
C ARG A 6 12.00 -0.43 20.28
N ILE A 7 12.33 -1.43 19.47
CA ILE A 7 12.82 -1.21 18.11
C ILE A 7 11.80 -1.58 17.04
N ALA A 8 11.57 -0.63 16.14
CA ALA A 8 10.63 -0.79 15.05
C ALA A 8 11.32 -1.50 13.89
N VAL A 9 10.77 -2.64 13.51
CA VAL A 9 11.37 -3.47 12.46
C VAL A 9 10.31 -3.70 11.39
N PRO A 10 10.68 -3.53 10.11
CA PRO A 10 9.72 -3.75 9.03
C PRO A 10 9.09 -5.13 9.07
N SER A 11 7.80 -5.17 8.77
CA SER A 11 6.99 -6.40 8.85
C SER A 11 6.90 -7.13 7.53
N LYS A 12 6.92 -6.38 6.43
CA LYS A 12 6.91 -6.98 5.09
C LYS A 12 7.92 -6.29 4.19
N GLY A 13 8.17 -6.86 3.02
CA GLY A 13 9.10 -6.29 2.06
C GLY A 13 10.55 -6.72 2.26
N ARG A 14 11.42 -6.16 1.43
CA ARG A 14 12.81 -6.59 1.32
C ARG A 14 13.66 -6.34 2.57
N ILE A 15 13.35 -5.26 3.28
CA ILE A 15 14.08 -4.86 4.46
C ILE A 15 13.86 -5.82 5.65
N SER A 16 12.69 -6.47 5.68
CA SER A 16 12.21 -7.18 6.87
C SER A 16 13.12 -8.30 7.37
N GLU A 17 13.23 -9.38 6.58
CA GLU A 17 14.03 -10.55 6.93
C GLU A 17 15.51 -10.29 7.29
N PRO A 18 16.23 -9.48 6.47
CA PRO A 18 17.61 -9.18 6.84
C PRO A 18 17.76 -8.44 8.18
N ALA A 19 16.79 -7.58 8.49
CA ALA A 19 16.73 -6.88 9.78
C ALA A 19 16.55 -7.87 10.95
N ILE A 20 15.70 -8.86 10.75
CA ILE A 20 15.51 -9.92 11.73
C ILE A 20 16.79 -10.74 11.90
N ARG A 21 17.43 -11.09 10.77
CA ARG A 21 18.71 -11.83 10.78
C ARG A 21 19.86 -11.08 11.44
N LEU A 22 19.92 -9.77 11.21
CA LEU A 22 20.95 -8.91 11.80
C LEU A 22 20.83 -8.85 13.33
N LEU A 23 19.63 -8.62 13.84
CA LEU A 23 19.37 -8.64 15.28
C LEU A 23 19.75 -10.01 15.90
N GLU A 24 19.33 -11.08 15.22
CA GLU A 24 19.74 -12.44 15.58
C GLU A 24 21.26 -12.54 15.73
N ASN A 25 21.99 -12.10 14.72
CA ASN A 25 23.46 -12.14 14.77
C ASN A 25 24.09 -11.22 15.83
N ALA A 26 23.34 -10.19 16.21
CA ALA A 26 23.78 -9.20 17.20
C ALA A 26 23.52 -9.66 18.65
N GLY A 27 22.95 -10.85 18.80
CA GLY A 27 22.58 -11.40 20.10
C GLY A 27 21.19 -10.99 20.57
N VAL A 28 20.42 -10.39 19.67
CA VAL A 28 19.11 -9.84 20.00
C VAL A 28 18.04 -10.44 19.08
N GLY A 29 18.11 -11.76 18.89
CA GLY A 29 17.12 -12.46 18.07
C GLY A 29 15.74 -12.42 18.71
N LEU A 30 14.71 -12.56 17.87
CA LEU A 30 13.32 -12.59 18.34
C LEU A 30 13.10 -13.79 19.25
N LYS A 31 12.44 -13.54 20.38
CA LYS A 31 12.25 -14.58 21.40
C LYS A 31 10.78 -14.90 21.64
N ASP A 32 10.40 -16.13 21.31
CA ASP A 32 9.06 -16.68 21.61
C ASP A 32 7.94 -15.90 20.91
N THR A 33 8.21 -15.49 19.67
CA THR A 33 7.31 -14.66 18.89
C THR A 33 6.07 -15.42 18.49
N VAL A 34 4.96 -15.10 19.15
CA VAL A 34 3.64 -15.62 18.78
C VAL A 34 3.17 -14.91 17.53
N ASN A 35 2.52 -15.65 16.64
CA ASN A 35 1.93 -15.07 15.44
C ASN A 35 0.65 -14.31 15.77
N ARG A 36 0.37 -13.27 14.98
CA ARG A 36 -0.72 -12.32 15.25
C ARG A 36 -0.28 -11.28 16.28
N LYS A 37 1.01 -11.28 16.59
CA LYS A 37 1.55 -10.35 17.57
C LYS A 37 2.26 -9.19 16.88
N LEU A 38 1.91 -7.98 17.31
CA LEU A 38 2.51 -6.76 16.78
C LEU A 38 3.80 -6.46 17.52
N PHE A 39 3.92 -7.00 18.72
CA PHE A 39 5.15 -6.90 19.53
C PHE A 39 5.75 -8.27 19.76
N SER A 40 7.05 -8.30 20.00
CA SER A 40 7.76 -9.54 20.31
C SER A 40 8.91 -9.28 21.25
N LYS A 41 9.11 -10.18 22.21
CA LYS A 41 10.32 -10.15 23.02
C LYS A 41 11.54 -10.56 22.17
N THR A 42 12.74 -10.23 22.67
CA THR A 42 13.99 -10.63 22.04
C THR A 42 14.82 -11.41 23.06
N GLN A 43 16.01 -11.86 22.64
CA GLN A 43 16.91 -12.60 23.55
C GLN A 43 17.44 -11.72 24.68
N HIS A 44 17.35 -10.40 24.51
CA HIS A 44 17.73 -9.44 25.54
C HIS A 44 16.49 -8.98 26.31
N PRO A 45 16.49 -9.14 27.64
CA PRO A 45 15.30 -8.82 28.46
C PRO A 45 14.85 -7.35 28.41
N GLN A 46 15.69 -6.46 27.91
CA GLN A 46 15.36 -5.04 27.85
C GLN A 46 15.02 -4.57 26.43
N ILE A 47 15.03 -5.49 25.47
CA ILE A 47 14.75 -5.11 24.10
C ILE A 47 13.52 -5.82 23.57
N GLU A 48 12.53 -5.05 23.14
CA GLU A 48 11.40 -5.60 22.42
C GLU A 48 11.33 -5.09 20.97
N VAL A 49 10.60 -5.82 20.14
CA VAL A 49 10.47 -5.49 18.74
C VAL A 49 9.02 -5.16 18.44
N MET A 50 8.81 -4.02 17.78
CA MET A 50 7.52 -3.69 17.22
C MET A 50 7.53 -3.84 15.70
N PHE A 51 6.67 -4.71 15.20
CA PHE A 51 6.49 -4.87 13.76
C PHE A 51 5.66 -3.75 13.17
N SER A 52 6.30 -2.95 12.33
CA SER A 52 5.71 -1.79 11.74
C SER A 52 5.97 -1.82 10.26
N ARG A 53 5.08 -1.25 9.46
CA ARG A 53 5.36 -1.04 8.04
C ARG A 53 6.48 -0.03 7.84
N ALA A 54 7.34 -0.30 6.87
CA ALA A 54 8.59 0.44 6.67
C ALA A 54 8.43 1.94 6.48
N ALA A 55 7.34 2.38 5.85
CA ALA A 55 7.14 3.80 5.59
C ALA A 55 6.68 4.55 6.83
N ASP A 56 6.22 3.80 7.84
CA ASP A 56 5.72 4.38 9.09
C ASP A 56 6.81 4.47 10.15
N ILE A 57 7.89 3.72 9.97
CA ILE A 57 8.97 3.70 10.96
C ILE A 57 9.65 5.06 11.22
N PRO A 58 9.93 5.86 10.18
CA PRO A 58 10.47 7.18 10.51
C PRO A 58 9.62 7.96 11.53
N GLU A 59 8.31 8.05 11.30
CA GLU A 59 7.40 8.73 12.22
C GLU A 59 7.27 8.09 13.61
N PHE A 60 7.13 6.75 13.67
CA PHE A 60 7.08 6.07 14.96
C PHE A 60 8.30 6.38 15.81
N VAL A 61 9.46 6.48 15.15
CA VAL A 61 10.70 6.79 15.84
C VAL A 61 10.79 8.28 16.16
N ALA A 62 10.33 9.14 15.26
CA ALA A 62 10.37 10.59 15.49
C ALA A 62 9.50 10.96 16.69
N ASP A 63 8.37 10.27 16.83
CA ASP A 63 7.37 10.60 17.84
C ASP A 63 7.63 9.93 19.19
N GLY A 64 8.34 8.81 19.17
CA GLY A 64 8.71 8.13 20.38
C GLY A 64 7.87 6.90 20.66
N ALA A 65 7.07 6.48 19.68
CA ALA A 65 6.35 5.22 19.77
C ALA A 65 7.34 4.05 19.73
N ALA A 66 8.47 4.28 19.07
CA ALA A 66 9.62 3.37 19.08
C ALA A 66 10.88 4.19 19.41
N ASP A 67 11.75 3.62 20.23
CA ASP A 67 13.02 4.25 20.55
C ASP A 67 13.99 4.23 19.39
N LEU A 68 13.94 3.13 18.64
CA LEU A 68 14.83 2.88 17.52
C LEU A 68 14.03 2.27 16.40
N GLY A 69 14.54 2.40 15.17
CA GLY A 69 13.90 1.81 14.00
C GLY A 69 14.94 1.34 13.01
N ILE A 70 14.55 0.40 12.17
CA ILE A 70 15.40 -0.04 11.07
C ILE A 70 14.53 0.19 9.86
N THR A 71 14.94 1.11 8.99
CA THR A 71 14.18 1.38 7.76
C THR A 71 15.06 2.01 6.69
N GLY A 72 14.48 2.25 5.52
CA GLY A 72 15.22 2.74 4.38
C GLY A 72 15.41 4.23 4.44
N TYR A 73 16.56 4.71 3.98
CA TYR A 73 16.90 6.13 3.97
C TYR A 73 15.92 6.94 3.12
N ASP A 74 15.49 6.36 1.99
CA ASP A 74 14.51 7.01 1.13
C ASP A 74 13.23 7.37 1.90
N LEU A 75 12.77 6.44 2.71
CA LEU A 75 11.54 6.62 3.48
C LEU A 75 11.74 7.69 4.56
N ILE A 76 12.87 7.62 5.26
CA ILE A 76 13.26 8.63 6.24
C ILE A 76 13.29 10.02 5.60
N VAL A 77 13.91 10.13 4.43
CA VAL A 77 13.99 11.42 3.75
C VAL A 77 12.63 11.89 3.25
N GLU A 78 11.85 10.98 2.66
CA GLU A 78 10.55 11.32 2.10
C GLU A 78 9.60 11.92 3.15
N ARG A 79 9.55 11.28 4.31
CA ARG A 79 8.76 11.77 5.43
C ARG A 79 9.33 13.03 6.05
N GLY A 80 10.63 13.24 5.88
CA GLY A 80 11.31 14.35 6.53
C GLY A 80 11.23 14.28 8.04
N SER A 81 11.10 13.06 8.58
CA SER A 81 10.92 12.82 10.00
C SER A 81 12.13 13.26 10.82
N ASP A 82 11.89 13.71 12.05
CA ASP A 82 12.96 14.18 12.91
C ASP A 82 13.52 13.04 13.74
N VAL A 83 14.60 12.45 13.22
CA VAL A 83 15.23 11.26 13.82
C VAL A 83 16.76 11.35 13.77
N GLU A 84 17.43 10.67 14.69
CA GLU A 84 18.90 10.51 14.65
C GLU A 84 19.28 9.23 13.90
N ILE A 85 20.12 9.35 12.86
CA ILE A 85 20.67 8.17 12.17
C ILE A 85 21.87 7.66 12.95
N LEU A 86 21.82 6.42 13.41
CA LEU A 86 22.89 5.81 14.21
C LEU A 86 23.94 5.04 13.42
N GLU A 87 23.50 4.23 12.46
CA GLU A 87 24.38 3.38 11.67
C GLU A 87 23.81 3.15 10.28
N ASP A 88 24.67 3.03 9.30
CA ASP A 88 24.26 2.49 8.02
C ASP A 88 24.38 0.98 8.13
N LEU A 89 23.37 0.26 7.62
CA LEU A 89 23.31 -1.20 7.82
C LEU A 89 23.79 -2.04 6.65
N LYS A 90 24.22 -1.37 5.58
CA LYS A 90 24.93 -1.98 4.46
C LYS A 90 24.16 -3.01 3.64
N TYR A 91 22.84 -2.96 3.74
CA TYR A 91 21.98 -3.79 2.89
C TYR A 91 20.82 -2.96 2.37
N GLY A 92 20.07 -3.52 1.43
CA GLY A 92 18.90 -2.85 0.89
C GLY A 92 19.24 -1.57 0.16
N ARG A 93 20.35 -1.60 -0.56
CA ARG A 93 20.78 -0.43 -1.32
C ARG A 93 20.07 -0.34 -2.67
N ALA A 94 19.72 0.89 -3.02
CA ALA A 94 18.88 1.16 -4.17
C ALA A 94 18.97 2.62 -4.51
N SER A 95 18.85 2.91 -5.80
CA SER A 95 18.92 4.28 -6.29
C SER A 95 17.54 4.74 -6.72
N LEU A 96 17.11 5.90 -6.21
CA LEU A 96 15.95 6.54 -6.79
C LEU A 96 16.43 7.36 -7.99
N VAL A 97 16.17 6.87 -9.19
CA VAL A 97 16.62 7.52 -10.42
C VAL A 97 15.51 8.25 -11.13
N LEU A 98 15.88 9.24 -11.95
CA LEU A 98 14.94 9.88 -12.87
C LEU A 98 15.16 9.25 -14.23
N ALA A 99 14.08 8.73 -14.82
CA ALA A 99 14.16 7.99 -16.07
C ALA A 99 13.18 8.51 -17.13
N ALA A 100 13.56 8.35 -18.39
CA ALA A 100 12.76 8.79 -19.53
C ALA A 100 12.59 7.65 -20.56
N PRO A 101 11.44 7.61 -21.26
CA PRO A 101 11.29 6.77 -22.45
C PRO A 101 12.53 6.86 -23.34
N GLU A 102 13.19 5.72 -23.59
CA GLU A 102 14.52 5.71 -24.21
C GLU A 102 14.63 6.51 -25.50
N ASP A 103 13.54 6.57 -26.26
CA ASP A 103 13.51 7.32 -27.53
C ASP A 103 13.31 8.83 -27.36
N SER A 104 13.26 9.30 -26.11
CA SER A 104 12.98 10.71 -25.84
C SER A 104 14.14 11.65 -26.18
N THR A 105 13.78 12.90 -26.42
CA THR A 105 14.75 14.00 -26.56
C THR A 105 15.54 14.15 -25.26
N ILE A 106 14.83 14.17 -24.12
CA ILE A 106 15.44 14.37 -22.81
C ILE A 106 16.53 13.33 -22.51
N ARG A 107 17.79 13.77 -22.49
N ARG A 107 17.78 13.77 -22.50
CA ARG A 107 18.91 12.89 -22.17
CA ARG A 107 18.92 12.89 -22.18
C ARG A 107 19.56 13.23 -20.82
C ARG A 107 19.57 13.23 -20.83
N GLY A 108 19.21 14.39 -20.28
CA GLY A 108 19.69 14.83 -18.96
C GLY A 108 18.72 15.84 -18.38
N PRO A 109 18.79 16.09 -17.06
CA PRO A 109 17.86 17.02 -16.39
C PRO A 109 17.79 18.42 -17.02
N GLU A 110 18.82 18.80 -17.79
CA GLU A 110 18.86 20.14 -18.41
C GLU A 110 17.79 20.30 -19.49
N ASP A 111 17.30 19.17 -20.01
CA ASP A 111 16.42 19.14 -21.17
C ASP A 111 14.94 19.19 -20.81
N ILE A 112 14.64 19.11 -19.52
CA ILE A 112 13.25 19.04 -19.06
C ILE A 112 12.55 20.38 -19.26
N PRO A 113 11.45 20.39 -20.03
CA PRO A 113 10.71 21.61 -20.33
C PRO A 113 9.71 21.99 -19.23
N ARG A 114 9.30 23.26 -19.23
CA ARG A 114 8.35 23.81 -18.27
C ARG A 114 7.20 22.87 -17.88
N GLY A 115 6.54 22.29 -18.88
CA GLY A 115 5.31 21.54 -18.63
C GLY A 115 5.46 20.07 -18.32
N ALA A 116 6.69 19.58 -18.19
CA ALA A 116 6.94 18.14 -18.10
C ALA A 116 6.30 17.51 -16.89
N VAL A 117 5.71 16.34 -17.09
CA VAL A 117 5.08 15.60 -15.99
C VAL A 117 6.00 14.46 -15.57
N ILE A 118 6.24 14.37 -14.25
CA ILE A 118 7.01 13.28 -13.68
C ILE A 118 6.15 12.49 -12.70
N ALA A 119 6.06 11.18 -12.94
CA ALA A 119 5.34 10.28 -12.05
C ALA A 119 6.31 9.67 -11.05
N THR A 120 5.87 9.55 -9.80
CA THR A 120 6.75 9.14 -8.74
C THR A 120 5.98 8.45 -7.61
N GLU A 121 6.70 7.71 -6.78
CA GLU A 121 6.14 7.25 -5.51
C GLU A 121 6.71 8.12 -4.41
N PHE A 122 7.63 9.01 -4.78
CA PHE A 122 8.35 9.86 -3.83
C PHE A 122 8.24 11.34 -4.17
N PRO A 123 7.02 11.92 -4.04
CA PRO A 123 6.79 13.31 -4.41
C PRO A 123 7.63 14.30 -3.61
N GLY A 124 7.86 14.01 -2.32
CA GLY A 124 8.68 14.89 -1.48
C GLY A 124 10.10 15.04 -1.99
N ILE A 125 10.79 13.91 -2.11
CA ILE A 125 12.14 13.87 -2.66
C ILE A 125 12.15 14.45 -4.07
N THR A 126 11.13 14.14 -4.87
CA THR A 126 11.09 14.58 -6.25
C THR A 126 10.85 16.09 -6.38
N GLU A 127 9.88 16.63 -5.63
CA GLU A 127 9.66 18.09 -5.61
C GLU A 127 10.96 18.76 -5.22
N ASN A 128 11.58 18.25 -4.16
CA ASN A 128 12.83 18.79 -3.61
C ASN A 128 14.00 18.77 -4.60
N TYR A 129 14.14 17.67 -5.34
CA TYR A 129 15.14 17.53 -6.40
C TYR A 129 14.92 18.57 -7.49
N LEU A 130 13.66 18.72 -7.88
CA LEU A 130 13.27 19.70 -8.89
C LEU A 130 13.52 21.11 -8.41
N ARG A 131 13.22 21.36 -7.13
CA ARG A 131 13.37 22.68 -6.53
C ARG A 131 14.84 23.04 -6.42
N GLU A 132 15.68 22.07 -6.06
CA GLU A 132 17.11 22.32 -5.94
C GLU A 132 17.80 22.53 -7.28
N HIS A 133 17.30 21.84 -8.32
CA HIS A 133 17.82 22.00 -9.68
C HIS A 133 17.09 23.10 -10.47
N GLY A 134 16.13 23.76 -9.82
CA GLY A 134 15.40 24.88 -10.41
C GLY A 134 14.47 24.55 -11.58
N ILE A 135 14.22 23.25 -11.77
CA ILE A 135 13.37 22.81 -12.88
C ILE A 135 11.90 22.99 -12.54
N ASP A 136 11.15 23.53 -13.50
CA ASP A 136 9.71 23.62 -13.40
C ASP A 136 9.13 22.41 -14.11
N ALA A 137 8.65 21.45 -13.33
CA ALA A 137 7.98 20.27 -13.86
C ALA A 137 6.90 19.85 -12.87
N GLU A 138 5.86 19.19 -13.39
CA GLU A 138 4.77 18.72 -12.55
C GLU A 138 5.07 17.33 -12.03
N VAL A 139 4.63 17.06 -10.80
CA VAL A 139 4.88 15.82 -10.13
C VAL A 139 3.56 15.11 -9.84
N VAL A 140 3.41 13.92 -10.39
CA VAL A 140 2.20 13.12 -10.17
C VAL A 140 2.54 11.91 -9.32
N GLU A 141 1.87 11.81 -8.17
CA GLU A 141 2.08 10.70 -7.27
C GLU A 141 1.24 9.50 -7.69
N LEU A 142 1.90 8.35 -7.82
CA LEU A 142 1.19 7.12 -8.15
C LEU A 142 1.37 6.14 -7.01
N THR A 143 0.48 5.17 -6.96
CA THR A 143 0.51 4.12 -5.96
C THR A 143 1.71 3.19 -6.14
N GLY A 144 2.10 3.01 -7.40
CA GLY A 144 3.18 2.11 -7.79
C GLY A 144 3.28 2.03 -9.30
N SER A 145 4.08 1.11 -9.80
CA SER A 145 4.17 0.84 -11.24
C SER A 145 4.37 2.11 -12.08
N THR A 146 5.21 3.02 -11.59
CA THR A 146 5.52 4.26 -12.33
C THR A 146 6.04 3.96 -13.73
N GLU A 147 6.60 2.76 -13.91
CA GLU A 147 7.17 2.30 -15.19
C GLU A 147 6.14 2.26 -16.32
N ILE A 148 4.87 2.21 -15.97
CA ILE A 148 3.77 2.12 -16.95
C ILE A 148 3.24 3.50 -17.34
N ALA A 149 3.52 4.50 -16.51
CA ALA A 149 2.97 5.86 -16.68
C ALA A 149 3.21 6.56 -18.04
N PRO A 150 4.41 6.43 -18.64
CA PRO A 150 4.60 6.95 -20.01
C PRO A 150 3.77 6.19 -21.03
N PHE A 151 3.70 4.86 -20.90
CA PHE A 151 2.92 4.01 -21.77
C PHE A 151 1.43 4.38 -21.83
N ILE A 152 0.84 4.72 -20.70
CA ILE A 152 -0.59 5.11 -20.65
C ILE A 152 -0.83 6.62 -20.76
N GLY A 153 0.24 7.40 -20.95
CA GLY A 153 0.13 8.85 -21.17
C GLY A 153 -0.11 9.73 -19.95
N VAL A 154 0.19 9.21 -18.76
CA VAL A 154 0.07 9.98 -17.50
C VAL A 154 1.26 10.88 -17.29
N ALA A 155 2.44 10.40 -17.69
CA ALA A 155 3.70 11.11 -17.44
C ALA A 155 4.66 11.05 -18.62
N ASP A 156 5.51 12.06 -18.72
CA ASP A 156 6.65 12.06 -19.64
C ASP A 156 7.83 11.33 -19.00
N LEU A 157 8.05 11.59 -17.71
CA LEU A 157 9.15 11.00 -16.97
C LEU A 157 8.69 10.28 -15.71
N ILE A 158 9.54 9.41 -15.19
CA ILE A 158 9.24 8.67 -13.97
C ILE A 158 10.44 8.72 -13.04
N THR A 159 10.20 8.38 -11.79
CA THR A 159 11.28 8.06 -10.87
C THR A 159 11.15 6.57 -10.63
N ASP A 160 12.24 5.95 -10.20
CA ASP A 160 12.19 4.53 -9.90
C ASP A 160 13.32 4.11 -8.98
N LEU A 161 13.05 3.06 -8.22
CA LEU A 161 14.00 2.55 -7.23
C LEU A 161 14.59 1.22 -7.72
N SER A 162 15.90 1.17 -7.96
CA SER A 162 16.53 -0.05 -8.50
C SER A 162 17.98 -0.24 -8.10
N SER A 163 18.42 -1.50 -8.02
CA SER A 163 19.84 -1.85 -7.89
C SER A 163 20.44 -2.04 -9.27
N THR A 164 19.64 -2.57 -10.18
CA THR A 164 20.04 -2.83 -11.56
C THR A 164 19.12 -2.08 -12.52
N GLY A 165 19.70 -1.49 -13.56
CA GLY A 165 18.92 -0.79 -14.57
C GLY A 165 18.02 -1.68 -15.41
N THR A 166 17.95 -2.96 -15.04
CA THR A 166 17.26 -3.99 -15.83
C THR A 166 15.73 -3.82 -15.97
N THR A 167 15.03 -3.62 -14.86
CA THR A 167 13.60 -3.29 -14.90
C THR A 167 13.31 -1.99 -15.68
N LEU A 168 14.33 -1.15 -15.82
CA LEU A 168 14.19 0.08 -16.59
C LEU A 168 14.39 -0.19 -18.09
N ARG A 169 15.41 -0.96 -18.44
CA ARG A 169 15.66 -1.30 -19.84
C ARG A 169 14.52 -2.14 -20.42
N MET A 170 13.91 -2.96 -19.57
CA MET A 170 12.80 -3.84 -19.94
C MET A 170 11.56 -3.05 -20.36
N ASN A 171 11.31 -1.94 -19.67
CA ASN A 171 10.24 -1.01 -20.04
C ASN A 171 10.73 0.05 -21.01
N HIS A 172 11.91 -0.19 -21.60
CA HIS A 172 12.52 0.74 -22.56
C HIS A 172 12.64 2.15 -21.97
N LEU A 173 13.34 2.24 -20.85
CA LEU A 173 13.60 3.51 -20.19
C LEU A 173 15.09 3.67 -19.94
N ARG A 174 15.55 4.93 -20.01
CA ARG A 174 16.94 5.27 -19.76
C ARG A 174 17.07 6.21 -18.55
N VAL A 175 18.01 5.90 -17.66
CA VAL A 175 18.31 6.74 -16.49
C VAL A 175 18.91 8.04 -16.96
N ILE A 176 18.26 9.16 -16.65
CA ILE A 176 18.81 10.48 -17.03
C ILE A 176 19.37 11.26 -15.84
N ASP A 177 19.16 10.72 -14.63
CA ASP A 177 19.82 11.22 -13.41
C ASP A 177 19.55 10.31 -12.22
N THR A 178 20.43 10.41 -11.22
CA THR A 178 20.21 9.77 -9.93
C THR A 178 19.78 10.85 -8.94
N ILE A 179 18.61 10.65 -8.33
CA ILE A 179 18.06 11.63 -7.38
C ILE A 179 18.58 11.40 -5.97
N LEU A 180 18.69 10.13 -5.56
CA LEU A 180 19.02 9.80 -4.18
C LEU A 180 19.61 8.40 -4.11
N GLU A 181 20.66 8.25 -3.32
CA GLU A 181 21.20 6.95 -2.97
C GLU A 181 20.59 6.53 -1.64
N SER A 182 20.03 5.33 -1.63
CA SER A 182 19.36 4.85 -0.43
C SER A 182 20.01 3.59 0.11
N SER A 183 19.98 3.49 1.44
CA SER A 183 20.49 2.35 2.12
C SER A 183 19.68 2.22 3.40
N VAL A 184 19.69 1.03 3.99
CA VAL A 184 18.99 0.79 5.24
C VAL A 184 19.76 1.36 6.44
N LYS A 185 19.03 2.04 7.33
CA LYS A 185 19.67 2.72 8.43
C LYS A 185 19.11 2.22 9.75
N LEU A 186 19.91 2.30 10.81
CA LEU A 186 19.42 2.20 12.18
C LEU A 186 19.21 3.62 12.68
N ILE A 187 18.00 3.93 13.14
CA ILE A 187 17.68 5.28 13.62
C ILE A 187 17.24 5.30 15.06
N ALA A 188 17.17 6.51 15.63
CA ALA A 188 16.85 6.66 17.02
C ALA A 188 16.09 7.94 17.33
N ASN A 189 15.17 7.82 18.29
CA ASN A 189 14.53 8.96 18.87
C ASN A 189 15.58 9.70 19.71
N ARG A 190 15.54 11.03 19.68
CA ARG A 190 16.52 11.83 20.41
C ARG A 190 16.28 11.75 21.92
N GLU A 191 15.02 11.88 22.32
CA GLU A 191 14.66 11.82 23.73
C GLU A 191 14.97 10.43 24.29
N SER A 192 14.81 9.40 23.48
CA SER A 192 15.12 8.02 23.89
C SER A 192 16.62 7.86 24.12
N TYR A 193 17.41 8.46 23.24
CA TYR A 193 18.85 8.28 23.27
C TYR A 193 19.47 8.93 24.50
N ALA A 194 19.08 10.18 24.79
CA ALA A 194 19.60 10.88 25.99
C ALA A 194 19.29 10.17 27.30
N THR A 195 18.15 9.48 27.35
CA THR A 195 17.67 8.88 28.61
C THR A 195 17.96 7.37 28.71
N LYS A 196 18.30 6.74 27.59
CA LYS A 196 18.52 5.29 27.57
C LYS A 196 19.76 4.89 26.75
N SER A 197 20.83 5.69 26.86
CA SER A 197 22.03 5.54 26.01
C SER A 197 22.85 4.27 26.29
N GLY A 198 22.77 3.75 27.50
CA GLY A 198 23.47 2.51 27.84
C GLY A 198 23.00 1.38 26.94
N ILE A 199 21.77 0.95 27.17
CA ILE A 199 21.16 -0.12 26.39
C ILE A 199 21.16 0.15 24.89
N ILE A 200 21.06 1.43 24.50
CA ILE A 200 21.04 1.75 23.08
C ILE A 200 22.40 1.48 22.47
N GLU A 201 23.45 1.99 23.12
CA GLU A 201 24.82 1.73 22.67
C GLU A 201 25.17 0.24 22.76
N GLU A 202 24.52 -0.49 23.67
CA GLU A 202 24.71 -1.92 23.77
C GLU A 202 24.22 -2.63 22.50
N LEU A 203 22.99 -2.31 22.09
CA LEU A 203 22.45 -2.83 20.84
C LEU A 203 23.25 -2.33 19.64
N ARG A 204 23.66 -1.06 19.69
CA ARG A 204 24.45 -0.46 18.62
C ARG A 204 25.79 -1.16 18.44
N THR A 205 26.47 -1.48 19.55
CA THR A 205 27.73 -2.24 19.47
C THR A 205 27.48 -3.62 18.85
N GLY A 206 26.40 -4.28 19.26
CA GLY A 206 26.06 -5.62 18.77
C GLY A 206 25.85 -5.61 17.27
N ILE A 207 24.97 -4.71 16.82
CA ILE A 207 24.70 -4.48 15.40
C ILE A 207 25.93 -4.00 14.63
N ARG A 208 26.62 -2.99 15.16
CA ARG A 208 27.82 -2.46 14.49
C ARG A 208 28.84 -3.58 14.29
N GLY A 209 28.99 -4.43 15.29
CA GLY A 209 29.81 -5.64 15.22
C GLY A 209 29.48 -6.62 14.10
N VAL A 210 28.18 -6.82 13.82
CA VAL A 210 27.75 -7.70 12.74
C VAL A 210 28.07 -7.10 11.37
N ILE A 211 28.00 -5.77 11.27
CA ILE A 211 28.27 -5.07 10.03
C ILE A 211 29.75 -5.12 9.66
N ASP A 212 30.61 -5.05 10.67
CA ASP A 212 32.04 -5.11 10.44
C ASP A 212 32.51 -6.53 10.15
N ALA A 213 31.64 -7.51 10.41
CA ALA A 213 31.94 -8.91 10.11
C ALA A 213 31.64 -9.26 8.66
N GLU A 214 30.94 -8.37 7.95
CA GLU A 214 30.52 -8.62 6.57
C GLU A 214 31.74 -8.78 5.66
N GLY A 215 31.75 -9.87 4.89
CA GLY A 215 32.84 -10.19 3.99
C GLY A 215 34.12 -10.52 4.73
N LYS A 216 34.01 -10.89 6.00
CA LYS A 216 35.19 -11.29 6.77
C LYS A 216 35.00 -12.71 7.29
N ARG A 217 35.92 -13.59 6.93
CA ARG A 217 35.86 -14.97 7.41
C ARG A 217 37.16 -15.31 8.13
N LEU A 218 37.12 -16.35 8.98
CA LEU A 218 38.32 -16.86 9.64
C LEU A 218 38.87 -18.07 8.88
N VAL A 219 40.04 -17.88 8.25
CA VAL A 219 40.65 -18.91 7.43
C VAL A 219 41.71 -19.70 8.20
N MET A 220 41.58 -21.03 8.19
CA MET A 220 42.48 -21.94 8.89
C MET A 220 43.12 -22.93 7.92
N LEU A 221 44.38 -23.29 8.17
CA LEU A 221 45.11 -24.22 7.31
C LEU A 221 46.20 -24.97 8.07
N ASN A 222 46.53 -26.15 7.56
CA ASN A 222 47.68 -26.91 8.04
C ASN A 222 48.87 -26.72 7.10
N ILE A 223 50.01 -26.29 7.66
CA ILE A 223 51.22 -26.09 6.87
C ILE A 223 52.42 -26.77 7.51
N ASP A 224 53.28 -27.34 6.69
CA ASP A 224 54.57 -27.85 7.15
C ASP A 224 55.43 -26.65 7.51
N ARG A 225 56.11 -26.75 8.65
CA ARG A 225 56.89 -25.66 9.24
C ARG A 225 57.92 -25.01 8.29
N LYS A 226 58.48 -25.81 7.38
CA LYS A 226 59.45 -25.32 6.39
C LYS A 226 58.87 -24.21 5.50
N ASN A 227 57.54 -24.18 5.38
CA ASN A 227 56.84 -23.19 4.56
C ASN A 227 56.06 -22.14 5.36
N LEU A 228 56.15 -22.20 6.69
CA LEU A 228 55.46 -21.25 7.58
C LEU A 228 55.75 -19.78 7.27
N ASP A 229 56.93 -19.49 6.73
CA ASP A 229 57.31 -18.12 6.41
C ASP A 229 56.49 -17.48 5.28
N ARG A 230 56.33 -18.19 4.17
CA ARG A 230 55.56 -17.68 3.04
C ARG A 230 54.07 -17.50 3.37
N VAL A 231 53.58 -18.27 4.34
CA VAL A 231 52.20 -18.16 4.82
C VAL A 231 51.98 -16.88 5.64
N ARG A 232 53.02 -16.42 6.34
CA ARG A 232 53.01 -15.13 7.05
C ARG A 232 52.69 -13.99 6.10
N ALA A 233 53.46 -13.90 5.03
CA ALA A 233 53.32 -12.84 4.03
C ALA A 233 51.99 -12.91 3.28
N LEU A 234 51.37 -14.10 3.22
CA LEU A 234 50.11 -14.28 2.51
C LEU A 234 48.89 -13.99 3.39
N MET A 235 49.03 -14.25 4.69
CA MET A 235 47.94 -14.06 5.63
C MET A 235 48.33 -13.09 6.75
N PRO A 236 48.36 -11.77 6.46
CA PRO A 236 48.73 -10.86 7.55
C PRO A 236 47.66 -10.85 8.65
N GLY A 237 46.40 -11.04 8.27
CA GLY A 237 45.30 -11.02 9.23
C GLY A 237 45.17 -9.66 9.88
N MET A 238 44.65 -9.64 11.11
CA MET A 238 44.36 -8.39 11.78
C MET A 238 45.58 -7.79 12.47
N THR A 239 46.28 -8.59 13.25
CA THR A 239 47.57 -8.20 13.83
C THR A 239 48.68 -9.06 13.23
N GLY A 240 48.34 -10.32 12.97
CA GLY A 240 49.26 -11.34 12.48
C GLY A 240 48.61 -12.71 12.63
N PRO A 241 49.01 -13.67 11.78
CA PRO A 241 48.40 -15.01 11.81
C PRO A 241 48.66 -15.72 13.13
N THR A 242 47.66 -16.48 13.58
CA THR A 242 47.79 -17.28 14.80
C THR A 242 48.29 -18.65 14.41
N VAL A 243 49.37 -19.09 15.07
CA VAL A 243 50.08 -20.32 14.73
C VAL A 243 50.07 -21.30 15.90
N SER A 244 49.62 -22.53 15.62
CA SER A 244 49.48 -23.55 16.66
C SER A 244 50.05 -24.91 16.22
N GLU A 245 50.40 -25.74 17.20
CA GLU A 245 51.05 -27.02 16.92
C GLU A 245 50.04 -28.03 16.41
N VAL A 246 50.49 -28.90 15.50
CA VAL A 246 49.69 -30.01 15.00
C VAL A 246 50.42 -31.31 15.32
N LEU A 247 49.72 -32.27 15.92
CA LEU A 247 50.32 -33.56 16.27
C LEU A 247 50.32 -34.54 15.09
N SER A 248 51.38 -34.47 14.29
CA SER A 248 51.54 -35.33 13.11
C SER A 248 52.98 -35.82 12.96
N ASP A 249 53.26 -36.45 11.82
CA ASP A 249 54.58 -37.01 11.50
C ASP A 249 55.63 -35.95 11.22
N ASN A 250 55.23 -34.89 10.51
CA ASN A 250 56.10 -33.76 10.22
C ASN A 250 55.89 -32.66 11.27
N GLY A 251 56.81 -31.69 11.29
CA GLY A 251 56.60 -30.47 12.05
C GLY A 251 55.56 -29.62 11.34
N VAL A 252 54.30 -29.98 11.53
CA VAL A 252 53.19 -29.26 10.92
C VAL A 252 52.62 -28.28 11.94
N VAL A 253 52.37 -27.05 11.48
CA VAL A 253 51.62 -26.09 12.29
C VAL A 253 50.24 -25.81 11.67
N ALA A 254 49.36 -25.21 12.47
CA ALA A 254 48.06 -24.75 12.01
C ALA A 254 48.07 -23.23 12.06
N VAL A 255 47.62 -22.59 10.99
CA VAL A 255 47.67 -21.14 10.91
C VAL A 255 46.26 -20.59 10.69
N HIS A 256 45.84 -19.66 11.54
CA HIS A 256 44.52 -19.01 11.39
CA HIS A 256 44.57 -18.99 11.26
C HIS A 256 44.66 -17.49 11.23
N ALA A 257 43.88 -16.90 10.34
CA ALA A 257 43.84 -15.46 10.13
C ALA A 257 42.47 -15.04 9.62
N VAL A 258 42.04 -13.86 10.05
CA VAL A 258 40.83 -13.24 9.52
C VAL A 258 41.17 -12.72 8.12
N VAL A 259 40.36 -13.08 7.13
CA VAL A 259 40.61 -12.63 5.76
C VAL A 259 39.33 -12.09 5.12
N ASP A 260 39.48 -11.07 4.28
CA ASP A 260 38.34 -10.52 3.54
C ASP A 260 37.99 -11.36 2.33
N GLU A 261 36.68 -11.45 2.03
CA GLU A 261 36.18 -12.23 0.91
C GLU A 261 36.73 -11.87 -0.48
N LYS A 262 37.12 -10.60 -0.66
CA LYS A 262 37.82 -10.14 -1.86
C LYS A 262 39.13 -10.89 -2.08
N GLU A 263 39.74 -11.34 -0.99
CA GLU A 263 41.07 -11.92 -1.11
C GLU A 263 41.12 -13.45 -1.09
N VAL A 264 40.04 -14.12 -0.68
CA VAL A 264 40.08 -15.58 -0.46
C VAL A 264 40.45 -16.45 -1.69
N PHE A 265 39.91 -16.16 -2.86
CA PHE A 265 40.23 -16.97 -4.05
C PHE A 265 41.70 -16.91 -4.46
N ASN A 266 42.24 -15.70 -4.57
CA ASN A 266 43.67 -15.53 -4.86
C ASN A 266 44.54 -16.12 -3.75
N LEU A 267 44.09 -15.95 -2.50
CA LEU A 267 44.77 -16.53 -1.34
C LEU A 267 44.84 -18.05 -1.41
N ILE A 268 43.71 -18.71 -1.70
CA ILE A 268 43.64 -20.17 -1.80
C ILE A 268 44.70 -20.72 -2.76
N ASN A 269 44.75 -20.18 -3.97
CA ASN A 269 45.73 -20.59 -4.99
C ASN A 269 47.17 -20.30 -4.54
N ARG A 270 47.37 -19.14 -3.92
CA ARG A 270 48.66 -18.77 -3.34
C ARG A 270 49.06 -19.64 -2.15
N LEU A 271 48.08 -20.03 -1.34
CA LEU A 271 48.33 -20.94 -0.22
C LEU A 271 48.66 -22.37 -0.66
N LYS A 272 47.87 -22.91 -1.58
CA LYS A 272 48.07 -24.27 -2.11
C LYS A 272 49.45 -24.45 -2.77
N ALA A 273 49.86 -23.45 -3.53
CA ALA A 273 51.15 -23.43 -4.22
C ALA A 273 52.35 -23.40 -3.24
N VAL A 274 52.07 -23.07 -1.98
CA VAL A 274 53.12 -23.00 -0.96
C VAL A 274 53.13 -24.24 -0.04
N GLY A 275 52.13 -25.10 -0.19
CA GLY A 275 52.07 -26.35 0.57
C GLY A 275 50.99 -26.37 1.63
N ALA A 276 50.13 -25.36 1.62
CA ALA A 276 48.99 -25.34 2.53
C ALA A 276 47.98 -26.41 2.14
N ARG A 277 47.49 -27.13 3.15
CA ARG A 277 46.39 -28.07 2.94
C ARG A 277 45.29 -27.87 3.98
N ASP A 278 44.15 -28.52 3.76
CA ASP A 278 43.01 -28.53 4.67
C ASP A 278 42.51 -27.12 5.00
N ILE A 279 42.32 -26.32 3.97
CA ILE A 279 41.93 -24.93 4.13
C ILE A 279 40.46 -24.82 4.53
N LEU A 280 40.24 -24.23 5.70
CA LEU A 280 38.90 -24.08 6.25
C LEU A 280 38.53 -22.63 6.24
N VAL A 281 37.28 -22.36 5.90
CA VAL A 281 36.73 -21.03 6.01
C VAL A 281 35.61 -21.14 7.03
N VAL A 282 35.81 -20.47 8.18
CA VAL A 282 34.90 -20.54 9.32
C VAL A 282 34.18 -19.19 9.43
N PRO A 283 32.86 -19.19 9.69
CA PRO A 283 32.14 -17.93 9.77
C PRO A 283 32.48 -17.13 11.03
N ILE A 284 32.41 -15.80 10.91
CA ILE A 284 32.56 -14.90 12.03
C ILE A 284 31.26 -14.11 12.18
N GLU A 285 30.65 -14.14 13.35
CA GLU A 285 29.39 -13.43 13.57
C GLU A 285 29.56 -11.93 13.82
N ARG A 286 30.53 -11.57 14.65
CA ARG A 286 30.76 -10.18 15.04
C ARG A 286 32.25 -9.90 15.11
N ILE A 287 32.65 -8.75 14.60
CA ILE A 287 34.01 -8.25 14.81
C ILE A 287 33.96 -6.91 15.52
N ILE A 288 34.80 -6.75 16.55
CA ILE A 288 34.97 -5.48 17.25
C ILE A 288 36.46 -5.15 17.25
N PRO A 289 36.89 -4.20 16.39
CA PRO A 289 38.32 -4.02 16.13
C PRO A 289 39.08 -3.56 17.37
N ALA B 1 -14.99 9.46 -36.79
CA ALA B 1 -15.39 8.03 -36.77
C ALA B 1 -15.27 7.45 -35.37
N VAL B 2 -16.16 6.50 -35.07
CA VAL B 2 -16.19 5.70 -33.83
C VAL B 2 -15.25 6.13 -32.69
N PRO B 3 -15.80 6.86 -31.68
CA PRO B 3 -15.02 7.18 -30.50
C PRO B 3 -14.97 5.99 -29.53
N LYS B 4 -13.77 5.69 -29.04
CA LYS B 4 -13.59 4.65 -28.03
C LYS B 4 -13.28 5.30 -26.70
N ILE B 5 -13.79 4.72 -25.62
CA ILE B 5 -13.52 5.25 -24.27
C ILE B 5 -12.84 4.24 -23.34
N ARG B 6 -11.96 4.76 -22.49
CA ARG B 6 -11.29 3.95 -21.50
C ARG B 6 -11.84 4.29 -20.11
N ILE B 7 -12.22 3.25 -19.38
CA ILE B 7 -12.72 3.41 -18.02
C ILE B 7 -11.80 2.74 -17.02
N ALA B 8 -11.20 3.56 -16.16
CA ALA B 8 -10.37 3.07 -15.06
C ALA B 8 -11.22 2.38 -13.98
N VAL B 9 -10.89 1.12 -13.72
CA VAL B 9 -11.59 0.30 -12.75
C VAL B 9 -10.58 -0.23 -11.73
N PRO B 10 -10.94 -0.20 -10.43
CA PRO B 10 -10.06 -0.74 -9.37
C PRO B 10 -9.70 -2.20 -9.57
N SER B 11 -8.43 -2.50 -9.40
CA SER B 11 -7.88 -3.82 -9.66
C SER B 11 -7.86 -4.70 -8.40
N LYS B 12 -7.83 -4.07 -7.23
CA LYS B 12 -8.03 -4.75 -5.95
C LYS B 12 -8.72 -3.85 -4.93
N GLY B 13 -9.03 -4.41 -3.76
CA GLY B 13 -9.83 -3.72 -2.73
C GLY B 13 -11.29 -4.12 -2.79
N ARG B 14 -12.14 -3.44 -2.03
CA ARG B 14 -13.57 -3.74 -2.00
C ARG B 14 -14.38 -3.04 -3.11
N ILE B 15 -13.73 -2.15 -3.87
CA ILE B 15 -14.41 -1.46 -4.95
C ILE B 15 -14.40 -2.33 -6.22
N SER B 16 -13.41 -3.20 -6.32
CA SER B 16 -13.09 -3.93 -7.56
C SER B 16 -14.21 -4.82 -8.11
N GLU B 17 -14.45 -5.96 -7.46
CA GLU B 17 -15.46 -6.94 -7.90
C GLU B 17 -16.89 -6.38 -8.08
N PRO B 18 -17.37 -5.53 -7.14
CA PRO B 18 -18.69 -4.94 -7.37
C PRO B 18 -18.78 -4.01 -8.60
N ALA B 19 -17.70 -3.26 -8.88
CA ALA B 19 -17.64 -2.40 -10.09
C ALA B 19 -17.68 -3.22 -11.37
N ILE B 20 -17.00 -4.35 -11.34
CA ILE B 20 -16.94 -5.25 -12.48
C ILE B 20 -18.34 -5.86 -12.71
N ARG B 21 -18.96 -6.29 -11.61
CA ARG B 21 -20.34 -6.80 -11.60
C ARG B 21 -21.33 -5.75 -12.08
N LEU B 22 -21.04 -4.47 -11.78
CA LEU B 22 -21.87 -3.35 -12.19
C LEU B 22 -21.84 -3.15 -13.71
N LEU B 23 -20.64 -3.19 -14.29
CA LEU B 23 -20.46 -3.13 -15.74
C LEU B 23 -21.14 -4.30 -16.46
N GLU B 24 -21.07 -5.49 -15.86
CA GLU B 24 -21.68 -6.69 -16.42
C GLU B 24 -23.19 -6.48 -16.51
N ASN B 25 -23.78 -6.10 -15.37
CA ASN B 25 -25.21 -5.78 -15.29
C ASN B 25 -25.65 -4.65 -16.20
N ALA B 26 -24.70 -3.80 -16.60
CA ALA B 26 -25.01 -2.66 -17.45
C ALA B 26 -24.86 -2.99 -18.94
N GLY B 27 -24.53 -4.25 -19.24
CA GLY B 27 -24.37 -4.73 -20.61
C GLY B 27 -22.99 -4.46 -21.19
N VAL B 28 -22.02 -4.27 -20.32
CA VAL B 28 -20.66 -3.89 -20.74
C VAL B 28 -19.62 -4.70 -19.95
N GLY B 29 -19.88 -6.00 -19.82
CA GLY B 29 -19.02 -6.89 -19.06
C GLY B 29 -17.65 -7.13 -19.68
N LEU B 30 -16.71 -7.58 -18.85
CA LEU B 30 -15.37 -7.93 -19.28
C LEU B 30 -15.39 -9.08 -20.29
N LYS B 31 -14.78 -8.82 -21.46
CA LYS B 31 -14.84 -9.75 -22.58
C LYS B 31 -13.46 -10.34 -22.88
N ASP B 32 -13.35 -11.65 -22.72
CA ASP B 32 -12.14 -12.43 -23.06
C ASP B 32 -10.87 -11.94 -22.36
N THR B 33 -11.00 -11.61 -21.07
CA THR B 33 -9.89 -11.07 -20.29
C THR B 33 -8.80 -12.12 -20.05
N VAL B 34 -7.59 -11.81 -20.52
CA VAL B 34 -6.43 -12.69 -20.45
C VAL B 34 -5.54 -12.30 -19.26
N ARG B 36 -7.77 -8.29 -13.08
CA ARG B 36 -7.49 -9.42 -13.96
C ARG B 36 -6.21 -9.20 -14.78
N LYS B 37 -6.27 -8.31 -15.77
CA LYS B 37 -5.08 -7.91 -16.52
C LYS B 37 -4.78 -6.43 -16.24
N LEU B 38 -4.29 -5.70 -17.24
CA LEU B 38 -4.13 -4.25 -17.15
C LEU B 38 -5.16 -3.54 -18.05
N PHE B 39 -5.35 -4.07 -19.25
CA PHE B 39 -6.40 -3.63 -20.16
C PHE B 39 -7.29 -4.78 -20.58
N SER B 40 -8.59 -4.59 -20.51
CA SER B 40 -9.56 -5.59 -20.94
C SER B 40 -10.54 -5.02 -21.95
N LYS B 41 -10.94 -5.86 -22.90
CA LYS B 41 -12.07 -5.59 -23.77
C LYS B 41 -13.38 -5.78 -23.01
N THR B 42 -14.46 -5.20 -23.52
CA THR B 42 -15.80 -5.41 -22.96
C THR B 42 -16.74 -5.84 -24.08
N GLN B 43 -18.01 -6.09 -23.75
CA GLN B 43 -19.04 -6.38 -24.76
C GLN B 43 -19.26 -5.26 -25.78
N HIS B 44 -18.89 -4.04 -25.40
CA HIS B 44 -19.06 -2.88 -26.25
C HIS B 44 -17.76 -2.60 -27.00
N PRO B 45 -17.82 -2.56 -28.34
CA PRO B 45 -16.63 -2.25 -29.14
C PRO B 45 -15.97 -0.93 -28.74
N GLN B 46 -16.78 0.05 -28.38
CA GLN B 46 -16.27 1.39 -28.05
C GLN B 46 -15.78 1.53 -26.60
N ILE B 47 -15.81 0.45 -25.82
CA ILE B 47 -15.39 0.54 -24.41
C ILE B 47 -14.32 -0.48 -23.97
N GLU B 48 -13.26 0.05 -23.36
CA GLU B 48 -12.16 -0.75 -22.82
C GLU B 48 -11.94 -0.40 -21.35
N VAL B 49 -11.60 -1.41 -20.55
CA VAL B 49 -11.33 -1.22 -19.13
C VAL B 49 -9.82 -1.16 -18.89
N MET B 50 -9.38 -0.17 -18.13
CA MET B 50 -8.03 -0.16 -17.58
C MET B 50 -8.14 -0.45 -16.10
N PHE B 51 -7.56 -1.56 -15.66
CA PHE B 51 -7.47 -1.85 -14.22
C PHE B 51 -6.42 -0.97 -13.56
N SER B 52 -6.82 -0.30 -12.49
CA SER B 52 -5.97 0.67 -11.82
C SER B 52 -6.19 0.62 -10.32
N ARG B 53 -5.19 1.08 -9.57
CA ARG B 53 -5.36 1.29 -8.16
C ARG B 53 -6.33 2.44 -7.94
N ALA B 54 -7.32 2.17 -7.10
CA ALA B 54 -8.41 3.11 -6.79
C ALA B 54 -7.91 4.52 -6.40
N ALA B 55 -6.79 4.60 -5.68
CA ALA B 55 -6.20 5.88 -5.27
C ALA B 55 -5.68 6.67 -6.46
N ASP B 56 -5.34 5.98 -7.55
CA ASP B 56 -4.77 6.61 -8.73
C ASP B 56 -5.83 7.01 -9.74
N ILE B 57 -7.00 6.37 -9.66
CA ILE B 57 -8.06 6.60 -10.63
C ILE B 57 -8.43 8.09 -10.75
N PRO B 58 -8.54 8.83 -9.62
CA PRO B 58 -8.86 10.27 -9.79
C PRO B 58 -7.86 11.01 -10.67
N GLU B 59 -6.57 10.68 -10.54
CA GLU B 59 -5.55 11.28 -11.37
C GLU B 59 -5.61 10.81 -12.82
N PHE B 60 -5.74 9.51 -13.02
CA PHE B 60 -5.80 8.98 -14.37
C PHE B 60 -6.94 9.65 -15.18
N VAL B 61 -8.03 9.95 -14.49
CA VAL B 61 -9.21 10.53 -15.13
C VAL B 61 -8.98 12.01 -15.45
N ALA B 62 -8.54 12.79 -14.46
CA ALA B 62 -8.30 14.24 -14.64
C ALA B 62 -7.22 14.55 -15.67
N ASP B 63 -6.18 13.72 -15.71
CA ASP B 63 -5.06 13.92 -16.64
C ASP B 63 -5.38 13.43 -18.05
N GLY B 64 -6.42 12.59 -18.17
CA GLY B 64 -6.91 12.15 -19.47
C GLY B 64 -6.47 10.76 -19.90
N ALA B 65 -5.70 10.07 -19.06
CA ALA B 65 -5.29 8.70 -19.36
C ALA B 65 -6.46 7.72 -19.33
N ALA B 66 -7.52 8.11 -18.63
CA ALA B 66 -8.78 7.39 -18.64
C ALA B 66 -9.96 8.38 -18.75
N ASP B 67 -10.84 8.13 -19.70
CA ASP B 67 -12.00 8.99 -19.94
C ASP B 67 -12.97 9.00 -18.75
N LEU B 68 -13.10 7.83 -18.13
CA LEU B 68 -14.03 7.59 -17.04
C LEU B 68 -13.33 6.76 -15.98
N GLY B 69 -13.82 6.84 -14.74
CA GLY B 69 -13.35 5.97 -13.68
C GLY B 69 -14.43 5.52 -12.72
N ILE B 70 -14.10 4.55 -11.88
CA ILE B 70 -14.98 4.13 -10.80
C ILE B 70 -14.11 4.06 -9.54
N THR B 71 -14.31 5.01 -8.65
CA THR B 71 -13.51 5.07 -7.42
C THR B 71 -14.26 5.78 -6.29
N GLY B 72 -13.74 5.67 -5.07
CA GLY B 72 -14.37 6.26 -3.87
C GLY B 72 -14.30 7.77 -3.81
N TYR B 73 -15.40 8.39 -3.38
CA TYR B 73 -15.45 9.84 -3.17
C TYR B 73 -14.32 10.35 -2.28
N ASP B 74 -14.01 9.60 -1.22
CA ASP B 74 -12.90 9.93 -0.32
C ASP B 74 -11.57 10.07 -1.05
N LEU B 75 -11.31 9.16 -1.98
CA LEU B 75 -10.08 9.21 -2.78
C LEU B 75 -10.08 10.38 -3.79
N ILE B 76 -11.22 10.63 -4.42
CA ILE B 76 -11.41 11.80 -5.29
C ILE B 76 -11.10 13.13 -4.57
N VAL B 77 -11.66 13.32 -3.40
CA VAL B 77 -11.43 14.52 -2.60
C VAL B 77 -9.99 14.61 -2.08
N GLU B 78 -9.41 13.47 -1.69
CA GLU B 78 -8.04 13.43 -1.17
C GLU B 78 -7.03 13.83 -2.23
N ARG B 79 -7.23 13.34 -3.46
CA ARG B 79 -6.39 13.73 -4.58
C ARG B 79 -6.58 15.20 -4.92
N GLY B 80 -7.79 15.70 -4.73
CA GLY B 80 -8.13 17.06 -5.15
C GLY B 80 -8.24 17.16 -6.67
N SER B 81 -8.41 15.99 -7.31
CA SER B 81 -8.45 15.87 -8.76
C SER B 81 -9.64 16.55 -9.42
N ASP B 82 -9.35 17.31 -10.48
CA ASP B 82 -10.35 18.03 -11.26
C ASP B 82 -11.08 17.07 -12.20
N VAL B 83 -12.11 16.42 -11.67
CA VAL B 83 -12.92 15.46 -12.41
C VAL B 83 -14.41 15.79 -12.31
N GLU B 84 -15.20 15.27 -13.24
CA GLU B 84 -16.65 15.42 -13.19
C GLU B 84 -17.25 14.16 -12.58
N ILE B 85 -17.95 14.31 -11.47
CA ILE B 85 -18.74 13.24 -10.91
C ILE B 85 -20.02 13.11 -11.73
N LEU B 86 -20.23 11.94 -12.35
CA LEU B 86 -21.41 11.71 -13.18
C LEU B 86 -22.57 11.07 -12.42
N GLU B 87 -22.26 10.05 -11.62
CA GLU B 87 -23.29 9.21 -11.02
C GLU B 87 -22.81 8.70 -9.66
N ASP B 88 -23.73 8.63 -8.70
CA ASP B 88 -23.47 7.91 -7.45
C ASP B 88 -23.76 6.44 -7.69
N LEU B 89 -22.88 5.57 -7.23
CA LEU B 89 -23.02 4.13 -7.49
C LEU B 89 -23.59 3.33 -6.31
N LYS B 90 -23.97 4.01 -5.23
CA LYS B 90 -24.79 3.43 -4.16
C LYS B 90 -24.18 2.21 -3.45
N TYR B 91 -22.86 2.06 -3.52
CA TYR B 91 -22.19 1.00 -2.80
C TYR B 91 -20.87 1.51 -2.27
N GLY B 92 -20.21 0.71 -1.43
CA GLY B 92 -18.98 1.14 -0.78
C GLY B 92 -19.14 2.41 0.04
N ARG B 93 -20.31 2.58 0.63
CA ARG B 93 -20.55 3.68 1.56
C ARG B 93 -19.68 3.52 2.81
N ALA B 94 -19.17 4.64 3.29
CA ALA B 94 -18.36 4.65 4.50
C ALA B 94 -18.19 6.08 4.91
N SER B 95 -18.18 6.31 6.21
CA SER B 95 -17.89 7.64 6.72
C SER B 95 -16.43 7.70 7.15
N LEU B 96 -15.76 8.79 6.79
CA LEU B 96 -14.46 9.10 7.38
C LEU B 96 -14.75 9.91 8.65
N VAL B 97 -14.56 9.25 9.79
CA VAL B 97 -14.89 9.81 11.09
C VAL B 97 -13.65 10.27 11.82
N LEU B 98 -13.83 11.23 12.72
CA LEU B 98 -12.82 11.62 13.70
C LEU B 98 -13.13 10.93 15.00
N ALA B 99 -12.12 10.23 15.55
CA ALA B 99 -12.32 9.40 16.72
C ALA B 99 -11.29 9.66 17.82
N ALA B 100 -11.73 9.45 19.05
CA ALA B 100 -10.93 9.60 20.25
C ALA B 100 -10.96 8.29 21.04
N PRO B 101 -9.89 8.01 21.83
CA PRO B 101 -9.95 6.92 22.83
C PRO B 101 -11.17 7.08 23.74
N GLU B 102 -11.86 5.99 24.05
CA GLU B 102 -13.08 6.06 24.86
C GLU B 102 -12.86 6.73 26.24
N ASP B 103 -11.67 6.55 26.80
CA ASP B 103 -11.30 7.15 28.09
C ASP B 103 -10.78 8.57 27.90
N SER B 104 -11.14 9.19 26.77
CA SER B 104 -10.73 10.56 26.48
C SER B 104 -11.80 11.56 26.89
N THR B 105 -11.37 12.73 27.30
CA THR B 105 -12.27 13.85 27.64
C THR B 105 -12.91 14.47 26.39
N ILE B 106 -12.25 14.32 25.24
CA ILE B 106 -12.70 14.89 23.97
C ILE B 106 -13.96 14.18 23.47
N ARG B 107 -15.05 14.92 23.37
CA ARG B 107 -16.31 14.35 22.86
C ARG B 107 -16.70 14.97 21.52
N GLY B 108 -16.06 16.09 21.18
CA GLY B 108 -16.39 16.81 19.96
C GLY B 108 -15.20 17.62 19.46
N PRO B 109 -15.31 18.16 18.23
CA PRO B 109 -14.27 18.96 17.58
C PRO B 109 -13.81 20.12 18.45
N GLU B 110 -14.76 20.68 19.20
CA GLU B 110 -14.55 21.84 20.05
C GLU B 110 -13.70 21.54 21.30
N ASP B 111 -13.46 20.25 21.57
CA ASP B 111 -12.70 19.81 22.75
C ASP B 111 -11.22 19.59 22.43
N ILE B 112 -10.90 19.56 21.13
CA ILE B 112 -9.54 19.31 20.65
C ILE B 112 -8.60 20.45 21.03
N PRO B 113 -7.62 20.14 21.92
CA PRO B 113 -6.69 21.16 22.41
C PRO B 113 -5.56 21.41 21.42
N ARG B 114 -4.97 22.60 21.49
CA ARG B 114 -3.85 22.95 20.62
C ARG B 114 -2.76 21.88 20.63
N GLY B 115 -2.29 21.50 19.45
CA GLY B 115 -1.15 20.61 19.34
C GLY B 115 -1.46 19.13 19.47
N ALA B 116 -2.75 18.79 19.48
CA ALA B 116 -3.19 17.40 19.46
C ALA B 116 -2.76 16.73 18.15
N VAL B 117 -2.39 15.47 18.22
CA VAL B 117 -1.86 14.77 17.06
C VAL B 117 -2.91 13.80 16.54
N ILE B 118 -3.25 13.93 15.26
CA ILE B 118 -4.27 13.09 14.63
C ILE B 118 -3.60 12.16 13.59
N ALA B 119 -3.76 10.86 13.77
CA ALA B 119 -3.24 9.89 12.83
C ALA B 119 -4.29 9.53 11.79
N THR B 120 -3.91 9.58 10.52
CA THR B 120 -4.85 9.46 9.42
C THR B 120 -4.20 8.86 8.18
N GLU B 121 -5.03 8.32 7.29
CA GLU B 121 -4.57 7.94 5.95
C GLU B 121 -4.98 9.01 4.94
N PHE B 122 -5.75 9.99 5.40
CA PHE B 122 -6.24 11.05 4.53
C PHE B 122 -5.76 12.39 5.06
N PRO B 123 -4.45 12.68 4.92
CA PRO B 123 -3.88 13.90 5.50
C PRO B 123 -4.39 15.20 4.85
N GLY B 124 -4.76 15.15 3.57
CA GLY B 124 -5.30 16.33 2.88
C GLY B 124 -6.69 16.67 3.39
N ILE B 125 -7.54 15.66 3.50
CA ILE B 125 -8.88 15.81 4.02
C ILE B 125 -8.86 16.34 5.45
N THR B 126 -7.95 15.82 6.26
CA THR B 126 -7.86 16.15 7.68
C THR B 126 -7.36 17.58 7.90
N GLU B 127 -6.30 17.96 7.20
CA GLU B 127 -5.74 19.30 7.30
C GLU B 127 -6.79 20.34 6.91
N ASN B 128 -7.55 20.03 5.86
CA ASN B 128 -8.63 20.91 5.43
C ASN B 128 -9.76 20.99 6.45
N TYR B 129 -10.08 19.86 7.09
CA TYR B 129 -11.13 19.82 8.11
C TYR B 129 -10.76 20.68 9.31
N LEU B 130 -9.49 20.66 9.72
CA LEU B 130 -9.04 21.53 10.80
C LEU B 130 -9.06 23.02 10.40
N ARG B 131 -8.88 23.28 9.09
CA ARG B 131 -8.88 24.65 8.57
C ARG B 131 -10.27 25.18 8.22
N GLU B 132 -11.27 24.29 8.13
CA GLU B 132 -12.65 24.73 7.95
C GLU B 132 -13.32 24.92 9.31
N HIS B 133 -12.73 24.32 10.33
CA HIS B 133 -13.29 24.34 11.68
C HIS B 133 -12.47 25.23 12.63
N GLY B 134 -11.26 25.56 12.21
CA GLY B 134 -10.40 26.48 12.97
C GLY B 134 -9.73 25.83 14.17
N ILE B 135 -9.23 24.61 13.96
CA ILE B 135 -8.60 23.80 15.00
C ILE B 135 -7.08 23.72 14.76
N ASP B 136 -6.29 24.02 15.80
CA ASP B 136 -4.82 23.97 15.67
C ASP B 136 -4.23 22.65 16.17
N ALA B 137 -4.15 21.67 15.26
CA ALA B 137 -3.68 20.32 15.59
C ALA B 137 -2.72 19.78 14.54
N GLU B 138 -1.81 18.91 14.95
CA GLU B 138 -0.89 18.25 14.03
C GLU B 138 -1.58 17.08 13.34
N VAL B 139 -1.06 16.74 12.16
CA VAL B 139 -1.55 15.61 11.39
C VAL B 139 -0.37 14.70 11.10
N VAL B 140 -0.54 13.40 11.39
CA VAL B 140 0.48 12.40 11.11
C VAL B 140 -0.13 11.33 10.20
N GLU B 141 0.55 11.05 9.09
CA GLU B 141 0.06 10.12 8.08
C GLU B 141 0.58 8.69 8.28
N LEU B 142 -0.33 7.72 8.35
CA LEU B 142 0.03 6.30 8.48
C LEU B 142 -0.36 5.51 7.23
N THR B 143 0.30 4.37 7.03
CA THR B 143 -0.02 3.45 5.91
C THR B 143 -1.36 2.73 6.12
N GLY B 144 -1.80 2.63 7.37
CA GLY B 144 -2.99 1.88 7.76
C GLY B 144 -2.97 1.69 9.26
N SER B 145 -3.96 0.97 9.78
CA SER B 145 -4.09 0.68 11.23
C SER B 145 -4.08 1.90 12.15
N THR B 146 -4.71 2.98 11.70
CA THR B 146 -4.87 4.16 12.54
C THR B 146 -5.48 3.82 13.90
N GLU B 147 -6.29 2.76 13.96
CA GLU B 147 -6.93 2.30 15.22
C GLU B 147 -5.94 2.05 16.34
N ILE B 148 -4.70 1.73 15.98
CA ILE B 148 -3.70 1.32 16.95
C ILE B 148 -2.79 2.48 17.40
N ALA B 149 -2.88 3.61 16.71
CA ALA B 149 -2.00 4.78 16.98
C ALA B 149 -2.01 5.34 18.43
N PRO B 150 -3.20 5.53 19.03
CA PRO B 150 -3.27 5.92 20.46
C PRO B 150 -2.61 4.91 21.40
N PHE B 151 -2.94 3.63 21.24
CA PHE B 151 -2.38 2.54 22.07
C PHE B 151 -0.85 2.54 22.08
N ILE B 152 -0.24 2.85 20.94
CA ILE B 152 1.22 2.90 20.84
C ILE B 152 1.79 4.31 21.13
N GLY B 153 0.91 5.31 21.10
CA GLY B 153 1.29 6.68 21.47
C GLY B 153 1.85 7.48 20.32
N VAL B 154 1.21 7.35 19.16
CA VAL B 154 1.60 8.04 17.95
C VAL B 154 0.73 9.26 17.80
N ALA B 155 -0.49 9.17 18.29
CA ALA B 155 -1.45 10.26 18.18
C ALA B 155 -2.43 10.25 19.35
N ASP B 156 -3.12 11.37 19.53
CA ASP B 156 -4.15 11.50 20.55
C ASP B 156 -5.49 11.17 19.92
N LEU B 157 -5.57 11.33 18.60
CA LEU B 157 -6.81 11.15 17.87
C LEU B 157 -6.52 10.45 16.56
N ILE B 158 -7.53 9.78 16.04
CA ILE B 158 -7.41 9.16 14.73
C ILE B 158 -8.56 9.57 13.83
N THR B 159 -8.36 9.41 12.53
CA THR B 159 -9.46 9.33 11.60
C THR B 159 -9.58 7.87 11.22
N ASP B 160 -10.78 7.46 10.83
CA ASP B 160 -10.99 6.12 10.33
C ASP B 160 -12.19 6.09 9.40
N LEU B 161 -12.29 5.01 8.65
CA LEU B 161 -13.26 4.87 7.59
C LEU B 161 -14.16 3.70 7.92
N SER B 162 -15.35 3.97 8.43
CA SER B 162 -16.28 2.90 8.83
C SER B 162 -17.73 3.13 8.39
N SER B 163 -18.45 2.02 8.22
CA SER B 163 -19.90 2.07 8.01
C SER B 163 -20.63 1.52 9.23
N THR B 164 -19.97 0.60 9.92
CA THR B 164 -20.38 0.17 11.26
C THR B 164 -19.30 0.66 12.23
N GLY B 165 -19.72 1.22 13.36
CA GLY B 165 -18.76 1.72 14.34
C GLY B 165 -18.10 0.64 15.17
N THR B 166 -18.07 -0.59 14.63
CA THR B 166 -17.68 -1.77 15.42
C THR B 166 -16.17 -1.96 15.60
N THR B 167 -15.38 -1.67 14.56
CA THR B 167 -13.91 -1.68 14.69
C THR B 167 -13.48 -0.67 15.75
N LEU B 168 -14.10 0.51 15.71
CA LEU B 168 -13.89 1.57 16.69
C LEU B 168 -14.29 1.12 18.10
N ARG B 169 -15.44 0.45 18.21
CA ARG B 169 -15.93 -0.06 19.49
C ARG B 169 -15.03 -1.14 20.08
N MET B 170 -14.41 -1.96 19.21
CA MET B 170 -13.49 -2.99 19.68
C MET B 170 -12.23 -2.35 20.23
N ASN B 171 -11.68 -1.41 19.48
CA ASN B 171 -10.44 -0.74 19.88
C ASN B 171 -10.67 0.42 20.84
N HIS B 172 -11.81 0.38 21.52
CA HIS B 172 -12.18 1.38 22.52
C HIS B 172 -11.98 2.82 22.05
N LEU B 173 -12.65 3.13 20.94
CA LEU B 173 -12.63 4.48 20.36
C LEU B 173 -14.05 5.01 20.17
N ARG B 174 -14.20 6.31 20.32
CA ARG B 174 -15.51 6.93 20.26
C ARG B 174 -15.51 7.99 19.15
N VAL B 175 -16.53 7.96 18.30
CA VAL B 175 -16.67 8.94 17.23
C VAL B 175 -17.02 10.30 17.82
N ILE B 176 -16.29 11.34 17.40
CA ILE B 176 -16.52 12.69 17.91
C ILE B 176 -17.04 13.62 16.81
N ASP B 177 -16.79 13.25 15.56
CA ASP B 177 -17.34 13.98 14.41
C ASP B 177 -17.27 13.14 13.15
N THR B 178 -17.99 13.56 12.11
CA THR B 178 -17.86 12.97 10.79
C THR B 178 -17.22 13.99 9.86
N ILE B 179 -16.11 13.61 9.23
CA ILE B 179 -15.36 14.52 8.38
C ILE B 179 -15.90 14.54 6.94
N LEU B 180 -16.34 13.37 6.46
CA LEU B 180 -16.78 13.22 5.07
C LEU B 180 -17.54 11.91 4.92
N GLU B 181 -18.56 11.93 4.08
CA GLU B 181 -19.34 10.72 3.78
C GLU B 181 -18.98 10.20 2.40
N SER B 182 -18.54 8.96 2.34
CA SER B 182 -18.04 8.41 1.09
C SER B 182 -18.97 7.38 0.47
N SER B 183 -18.93 7.33 -0.86
CA SER B 183 -19.72 6.44 -1.66
C SER B 183 -18.94 6.33 -2.95
N VAL B 184 -19.10 5.22 -3.65
CA VAL B 184 -18.36 5.04 -4.90
C VAL B 184 -19.00 5.88 -5.99
N LYS B 185 -18.19 6.61 -6.74
CA LYS B 185 -18.69 7.45 -7.83
C LYS B 185 -18.24 6.96 -9.21
N LEU B 186 -19.03 7.30 -10.23
CA LEU B 186 -18.60 7.22 -11.62
C LEU B 186 -18.17 8.62 -11.97
N ILE B 187 -16.91 8.75 -12.39
CA ILE B 187 -16.32 10.04 -12.71
C ILE B 187 -15.91 10.16 -14.19
N ALA B 188 -15.78 11.41 -14.65
CA ALA B 188 -15.45 11.68 -16.05
C ALA B 188 -14.41 12.77 -16.20
N ASN B 189 -13.57 12.60 -17.21
CA ASN B 189 -12.70 13.66 -17.69
C ASN B 189 -13.58 14.67 -18.41
N ARG B 190 -13.41 15.94 -18.09
CA ARG B 190 -14.22 16.99 -18.71
C ARG B 190 -14.06 17.06 -20.23
N GLU B 191 -12.83 16.89 -20.71
CA GLU B 191 -12.55 16.97 -22.15
C GLU B 191 -13.15 15.77 -22.87
N SER B 192 -13.08 14.60 -22.22
CA SER B 192 -13.67 13.38 -22.74
C SER B 192 -15.19 13.49 -22.89
N TYR B 193 -15.83 14.17 -21.93
CA TYR B 193 -17.28 14.33 -21.99
C TYR B 193 -17.74 15.16 -23.19
N ALA B 194 -17.12 16.33 -23.38
CA ALA B 194 -17.50 17.25 -24.45
C ALA B 194 -17.20 16.71 -25.84
N THR B 195 -16.40 15.64 -25.91
CA THR B 195 -16.00 15.10 -27.20
C THR B 195 -16.59 13.72 -27.49
N LYS B 196 -17.09 13.07 -26.45
CA LYS B 196 -17.60 11.70 -26.57
C LYS B 196 -18.86 11.48 -25.72
N SER B 197 -19.75 12.49 -25.70
CA SER B 197 -20.95 12.48 -24.86
C SER B 197 -21.88 11.31 -25.18
N GLY B 198 -22.00 10.99 -26.46
CA GLY B 198 -22.84 9.89 -26.91
C GLY B 198 -22.54 8.56 -26.24
N ILE B 199 -21.30 8.09 -26.40
CA ILE B 199 -20.88 6.82 -25.81
C ILE B 199 -20.83 6.86 -24.27
N ILE B 200 -20.40 7.98 -23.71
CA ILE B 200 -20.43 8.16 -22.25
C ILE B 200 -21.85 8.04 -21.70
N GLU B 201 -22.79 8.74 -22.34
CA GLU B 201 -24.19 8.73 -21.88
C GLU B 201 -24.84 7.36 -22.01
N GLU B 202 -24.42 6.60 -23.03
CA GLU B 202 -24.86 5.23 -23.22
C GLU B 202 -24.44 4.32 -22.06
N LEU B 203 -23.22 4.49 -21.58
CA LEU B 203 -22.73 3.71 -20.44
C LEU B 203 -23.32 4.22 -19.14
N ARG B 204 -23.46 5.55 -19.05
CA ARG B 204 -24.09 6.20 -17.91
C ARG B 204 -25.50 5.70 -17.68
N THR B 205 -26.28 5.58 -18.76
CA THR B 205 -27.64 5.10 -18.71
C THR B 205 -27.69 3.65 -18.22
N GLY B 206 -26.85 2.79 -18.83
CA GLY B 206 -26.76 1.40 -18.40
C GLY B 206 -26.45 1.33 -16.92
N ILE B 207 -25.40 2.02 -16.52
CA ILE B 207 -24.94 2.05 -15.12
C ILE B 207 -26.00 2.61 -14.16
N ARG B 208 -26.66 3.69 -14.57
CA ARG B 208 -27.74 4.29 -13.79
C ARG B 208 -28.97 3.39 -13.69
N GLY B 209 -29.23 2.64 -14.75
CA GLY B 209 -30.33 1.67 -14.77
C GLY B 209 -30.14 0.55 -13.77
N VAL B 210 -28.90 0.08 -13.61
CA VAL B 210 -28.55 -0.95 -12.63
C VAL B 210 -28.81 -0.48 -11.20
N ILE B 211 -28.32 0.71 -10.87
CA ILE B 211 -28.48 1.31 -9.54
C ILE B 211 -29.94 1.54 -9.20
N ASP B 212 -30.74 1.94 -10.19
CA ASP B 212 -32.18 2.16 -9.99
C ASP B 212 -32.99 0.85 -9.91
N ALA B 213 -32.34 -0.28 -10.21
CA ALA B 213 -33.00 -1.59 -10.09
C ALA B 213 -32.77 -2.23 -8.72
N GLU B 214 -31.71 -1.79 -8.02
CA GLU B 214 -31.36 -2.30 -6.69
C GLU B 214 -32.58 -2.41 -5.78
N GLY B 215 -32.77 -3.59 -5.20
CA GLY B 215 -33.89 -3.81 -4.29
C GLY B 215 -35.27 -3.84 -4.93
N LYS B 216 -35.33 -3.78 -6.27
CA LYS B 216 -36.59 -3.87 -7.00
C LYS B 216 -36.76 -5.25 -7.63
N ARG B 217 -37.96 -5.81 -7.52
CA ARG B 217 -38.25 -7.13 -8.07
C ARG B 217 -39.53 -7.12 -8.87
N LEU B 218 -39.62 -8.06 -9.81
CA LEU B 218 -40.88 -8.33 -10.50
C LEU B 218 -41.58 -9.45 -9.73
N VAL B 219 -42.73 -9.14 -9.14
CA VAL B 219 -43.52 -10.18 -8.46
C VAL B 219 -44.61 -10.66 -9.39
N MET B 220 -44.80 -11.97 -9.46
CA MET B 220 -45.77 -12.61 -10.33
C MET B 220 -46.61 -13.59 -9.53
N LEU B 221 -47.90 -13.67 -9.82
CA LEU B 221 -48.80 -14.58 -9.12
C LEU B 221 -49.97 -15.04 -9.98
N ASN B 222 -50.50 -16.23 -9.65
CA ASN B 222 -51.76 -16.71 -10.19
C ASN B 222 -52.91 -16.43 -9.21
N ILE B 223 -54.05 -16.03 -9.75
CA ILE B 223 -55.24 -15.77 -8.93
C ILE B 223 -56.51 -16.07 -9.73
N ASP B 224 -57.60 -16.41 -9.04
CA ASP B 224 -58.89 -16.57 -9.70
C ASP B 224 -59.40 -15.19 -10.10
N ARG B 225 -60.12 -15.13 -11.22
CA ARG B 225 -60.61 -13.86 -11.78
C ARG B 225 -61.45 -13.05 -10.78
N LYS B 226 -62.19 -13.72 -9.91
CA LYS B 226 -63.11 -13.02 -8.99
C LYS B 226 -62.42 -12.21 -7.88
N ASN B 227 -61.11 -12.35 -7.74
CA ASN B 227 -60.37 -11.65 -6.70
C ASN B 227 -59.39 -10.59 -7.21
N LEU B 228 -59.33 -10.48 -8.54
CA LEU B 228 -58.45 -9.54 -9.26
C LEU B 228 -58.54 -8.09 -8.80
N ASP B 229 -59.70 -7.69 -8.27
CA ASP B 229 -59.93 -6.35 -7.77
C ASP B 229 -59.11 -5.98 -6.53
N ARG B 230 -58.81 -6.98 -5.70
CA ARG B 230 -58.15 -6.73 -4.42
C ARG B 230 -56.62 -6.78 -4.53
N VAL B 231 -56.15 -7.49 -5.55
CA VAL B 231 -54.73 -7.48 -5.91
C VAL B 231 -54.34 -6.07 -6.31
N ARG B 232 -55.20 -5.45 -7.13
CA ARG B 232 -55.01 -4.10 -7.65
C ARG B 232 -54.54 -3.15 -6.56
N ALA B 233 -55.32 -3.05 -5.48
CA ALA B 233 -54.96 -2.22 -4.33
C ALA B 233 -53.65 -2.65 -3.65
N LEU B 234 -53.45 -3.96 -3.53
CA LEU B 234 -52.33 -4.51 -2.76
C LEU B 234 -50.96 -4.24 -3.36
N MET B 235 -50.87 -4.18 -4.69
CA MET B 235 -49.59 -3.86 -5.34
C MET B 235 -49.73 -2.90 -6.54
N PRO B 236 -49.49 -1.60 -6.30
CA PRO B 236 -49.68 -0.57 -7.32
C PRO B 236 -48.65 -0.64 -8.43
N GLY B 237 -47.51 -1.28 -8.18
CA GLY B 237 -46.39 -1.31 -9.13
C GLY B 237 -45.91 0.05 -9.58
N MET B 238 -45.19 0.08 -10.70
CA MET B 238 -44.69 1.35 -11.24
C MET B 238 -45.80 2.22 -11.84
N THR B 239 -46.74 1.58 -12.56
CA THR B 239 -47.96 2.26 -13.05
C THR B 239 -49.22 1.54 -12.57
N GLY B 240 -49.19 0.21 -12.68
CA GLY B 240 -50.30 -0.65 -12.26
C GLY B 240 -49.95 -2.07 -12.60
N PRO B 241 -50.60 -3.05 -11.95
CA PRO B 241 -50.29 -4.45 -12.24
C PRO B 241 -50.73 -4.92 -13.64
N THR B 242 -49.87 -5.73 -14.25
CA THR B 242 -50.12 -6.37 -15.54
C THR B 242 -50.95 -7.66 -15.36
N VAL B 243 -51.93 -7.87 -16.25
CA VAL B 243 -52.84 -9.01 -16.18
C VAL B 243 -52.88 -9.82 -17.49
N SER B 244 -52.78 -11.14 -17.38
CA SER B 244 -52.92 -12.05 -18.52
C SER B 244 -53.76 -13.29 -18.16
N GLU B 245 -54.48 -13.83 -19.13
CA GLU B 245 -55.28 -15.02 -18.91
C GLU B 245 -54.38 -16.24 -18.69
N VAL B 246 -54.78 -17.10 -17.76
CA VAL B 246 -54.09 -18.37 -17.54
C VAL B 246 -55.01 -19.49 -18.04
N LEU B 247 -54.42 -20.49 -18.70
CA LEU B 247 -55.19 -21.66 -19.13
C LEU B 247 -55.20 -22.77 -18.07
N SER B 248 -56.35 -22.97 -17.44
CA SER B 248 -56.56 -24.06 -16.49
C SER B 248 -58.04 -24.48 -16.49
N ASP B 249 -58.59 -24.74 -15.30
CA ASP B 249 -59.97 -25.18 -15.15
C ASP B 249 -60.89 -24.04 -14.78
N ASN B 250 -60.49 -23.24 -13.78
CA ASN B 250 -61.30 -22.09 -13.37
C ASN B 250 -61.04 -20.91 -14.29
N GLY B 251 -61.43 -19.71 -13.84
CA GLY B 251 -61.06 -18.48 -14.53
C GLY B 251 -59.87 -17.92 -13.81
N VAL B 252 -58.70 -18.47 -14.11
CA VAL B 252 -57.46 -18.05 -13.46
C VAL B 252 -56.73 -17.00 -14.30
N VAL B 253 -56.26 -15.94 -13.64
CA VAL B 253 -55.42 -14.95 -14.31
C VAL B 253 -54.05 -14.81 -13.65
N ALA B 254 -53.08 -14.32 -14.44
CA ALA B 254 -51.73 -14.05 -13.94
C ALA B 254 -51.52 -12.55 -13.88
N VAL B 255 -50.96 -12.11 -12.77
CA VAL B 255 -50.79 -10.70 -12.42
C VAL B 255 -49.32 -10.49 -12.05
N HIS B 256 -48.69 -9.45 -12.62
CA HIS B 256 -47.28 -9.12 -12.40
CA HIS B 256 -47.34 -9.12 -12.22
C HIS B 256 -47.08 -7.64 -12.07
N ALA B 257 -46.12 -7.31 -11.20
CA ALA B 257 -45.83 -5.92 -10.88
C ALA B 257 -44.41 -5.73 -10.36
N VAL B 258 -43.87 -4.53 -10.56
CA VAL B 258 -42.60 -4.16 -9.94
C VAL B 258 -42.87 -3.89 -8.46
N VAL B 259 -42.12 -4.54 -7.59
CA VAL B 259 -42.24 -4.29 -6.15
C VAL B 259 -40.86 -4.15 -5.51
N ASP B 260 -40.80 -3.31 -4.49
CA ASP B 260 -39.58 -3.10 -3.71
C ASP B 260 -39.43 -4.23 -2.68
N GLU B 261 -38.19 -4.66 -2.46
CA GLU B 261 -37.86 -5.64 -1.41
C GLU B 261 -38.54 -5.34 -0.07
N LYS B 262 -38.57 -4.06 0.28
CA LYS B 262 -39.16 -3.62 1.55
C LYS B 262 -40.62 -4.09 1.68
N GLU B 263 -41.34 -4.08 0.56
CA GLU B 263 -42.78 -4.37 0.55
C GLU B 263 -43.02 -5.88 0.53
N VAL B 264 -42.08 -6.65 -0.01
CA VAL B 264 -42.41 -8.02 -0.47
C VAL B 264 -43.03 -8.96 0.59
N PHE B 265 -42.54 -8.91 1.82
CA PHE B 265 -43.04 -9.78 2.86
C PHE B 265 -44.51 -9.50 3.21
N ASN B 266 -44.80 -8.24 3.56
CA ASN B 266 -46.17 -7.82 3.85
C ASN B 266 -47.10 -8.14 2.68
N LEU B 267 -46.61 -7.83 1.48
CA LEU B 267 -47.36 -8.05 0.26
C LEU B 267 -47.71 -9.52 0.04
N ILE B 268 -46.70 -10.39 0.17
CA ILE B 268 -46.93 -11.84 0.07
C ILE B 268 -48.07 -12.26 1.00
N ASN B 269 -48.02 -11.82 2.26
CA ASN B 269 -49.09 -12.12 3.23
C ASN B 269 -50.45 -11.64 2.75
N ARG B 270 -50.50 -10.41 2.26
CA ARG B 270 -51.75 -9.83 1.76
C ARG B 270 -52.30 -10.66 0.60
N LEU B 271 -51.45 -10.95 -0.37
CA LEU B 271 -51.81 -11.76 -1.54
C LEU B 271 -52.28 -13.15 -1.16
N LYS B 272 -51.62 -13.78 -0.20
CA LYS B 272 -52.01 -15.10 0.27
C LYS B 272 -53.41 -15.10 0.89
N ALA B 273 -53.73 -14.04 1.63
CA ALA B 273 -55.03 -13.90 2.30
C ALA B 273 -56.14 -13.60 1.31
N VAL B 274 -55.76 -13.15 0.12
CA VAL B 274 -56.73 -12.80 -0.93
C VAL B 274 -56.85 -13.91 -2.00
N GLY B 275 -56.11 -15.00 -1.81
CA GLY B 275 -56.28 -16.19 -2.66
C GLY B 275 -55.25 -16.37 -3.74
N ALA B 276 -54.28 -15.45 -3.81
CA ALA B 276 -53.16 -15.57 -4.75
C ALA B 276 -52.26 -16.77 -4.43
N ARG B 277 -51.86 -17.51 -5.45
CA ARG B 277 -50.95 -18.63 -5.27
C ARG B 277 -49.89 -18.60 -6.37
N ASP B 278 -48.85 -19.42 -6.20
CA ASP B 278 -47.74 -19.53 -7.14
C ASP B 278 -47.03 -18.19 -7.34
N ILE B 279 -46.49 -17.66 -6.24
CA ILE B 279 -45.89 -16.32 -6.23
C ILE B 279 -44.41 -16.39 -6.60
N LEU B 280 -44.03 -15.63 -7.61
CA LEU B 280 -42.66 -15.68 -8.11
C LEU B 280 -41.98 -14.34 -7.91
N VAL B 281 -40.71 -14.41 -7.57
CA VAL B 281 -39.87 -13.23 -7.50
C VAL B 281 -38.78 -13.41 -8.55
N VAL B 282 -38.75 -12.49 -9.50
CA VAL B 282 -37.87 -12.56 -10.66
C VAL B 282 -37.02 -11.30 -10.66
N PRO B 283 -35.70 -11.44 -10.92
CA PRO B 283 -34.79 -10.30 -10.82
C PRO B 283 -34.98 -9.29 -11.95
N ILE B 284 -34.73 -8.03 -11.63
CA ILE B 284 -34.67 -6.98 -12.63
C ILE B 284 -33.23 -6.47 -12.63
N GLU B 285 -32.60 -6.46 -13.80
CA GLU B 285 -31.23 -6.01 -13.96
C GLU B 285 -31.15 -4.48 -13.97
N ARG B 286 -32.03 -3.87 -14.76
CA ARG B 286 -32.05 -2.41 -14.98
C ARG B 286 -33.46 -1.86 -14.99
N ILE B 287 -33.65 -0.68 -14.42
CA ILE B 287 -34.89 0.06 -14.56
C ILE B 287 -34.63 1.47 -15.09
N ILE B 288 -35.40 1.88 -16.08
CA ILE B 288 -35.39 3.24 -16.62
C ILE B 288 -36.83 3.73 -16.60
N PRO B 289 -37.15 4.63 -15.65
CA PRO B 289 -38.49 5.22 -15.50
C PRO B 289 -38.90 6.05 -16.71
N HIS C . 45.48 -13.64 14.94
CA HIS C . 44.52 -13.66 13.77
C HIS C . 44.34 -12.28 13.16
O HIS C . 43.78 -12.14 12.08
CB HIS C . 43.17 -14.24 14.19
CG HIS C . 42.55 -13.52 15.36
ND1 HIS C . 42.36 -14.13 16.58
CD2 HIS C . 42.08 -12.26 15.48
CE1 HIS C . 41.79 -13.27 17.41
NE2 HIS C . 41.62 -12.12 16.76
OXT HIS C . 44.74 -11.27 13.76
CL CL D . 20.13 2.22 -11.98
N1 IMD E . 7.08 23.92 -10.23
C2 IMD E . 7.66 22.74 -9.95
N3 IMD E . 6.69 21.86 -9.62
C4 IMD E . 5.50 22.49 -9.68
C5 IMD E . 5.75 23.80 -10.07
N1 IMD F . 23.51 -6.02 30.54
C2 IMD F . 24.61 -6.64 31.01
N3 IMD F . 24.42 -7.98 30.92
C4 IMD F . 23.20 -8.20 30.39
C5 IMD F . 22.62 -6.96 30.16
CL CL G . 20.17 2.86 29.53
CL CL H . 23.27 7.08 2.71
CL CL I . 9.21 5.89 -7.68
MG MG J . 10.26 0.60 -8.50
MG MG K . 19.09 15.91 14.95
MG MG L . 17.43 -15.99 18.61
MG MG M . 22.72 14.38 -10.54
C1 MPD N . 2.32 6.52 -0.91
C2 MPD N . 2.97 5.54 -1.90
O2 MPD N . 3.41 6.30 -3.05
CM MPD N . 1.92 4.55 -2.38
C3 MPD N . 4.13 4.77 -1.26
C4 MPD N . 5.45 5.55 -1.10
O4 MPD N . 5.73 5.74 0.27
C5 MPD N . 6.62 4.80 -1.71
C1 MRD O . 1.00 14.63 -23.76
C2 MRD O . 1.47 13.88 -22.51
O2 MRD O . 2.65 14.56 -21.99
CM MRD O . 1.86 12.45 -22.85
C3 MRD O . 0.33 13.87 -21.48
C4 MRD O . 0.64 14.56 -20.16
O4 MRD O . 1.68 13.86 -19.50
C5 MRD O . -0.59 14.62 -19.25
C1 MPD P . 7.98 3.47 25.95
C2 MPD P . 8.92 2.80 24.95
O2 MPD P . 10.00 3.71 24.66
CM MPD P . 8.20 2.56 23.62
C3 MPD P . 9.57 1.53 25.50
C4 MPD P . 8.60 0.46 26.03
O4 MPD P . 8.77 -0.72 25.28
C5 MPD P . 8.82 0.16 27.50
N HIS Q . -47.05 -3.33 -15.17
CA HIS Q . -46.20 -3.71 -14.00
C HIS Q . -45.90 -2.51 -13.09
O HIS Q . -45.34 -2.64 -12.02
CB HIS Q . -44.90 -4.34 -14.49
CG HIS Q . -44.12 -3.47 -15.43
ND1 HIS Q . -43.98 -3.75 -16.77
CD2 HIS Q . -43.45 -2.31 -15.21
CE1 HIS Q . -43.24 -2.81 -17.34
NE2 HIS Q . -42.92 -1.91 -16.42
OXT HIS Q . -46.19 -1.36 -13.41
CL CL R . 2.82 7.29 3.24
MG MG S . 4.82 15.19 14.21
N1 IMD T . -16.85 19.35 26.26
C2 IMD T . -18.16 19.00 26.30
N3 IMD T . -18.40 18.32 27.44
C4 IMD T . -17.24 18.26 28.14
C5 IMD T . -16.26 18.91 27.38
CL CL U . -7.72 6.95 8.15
CL CL V . -19.88 9.59 -28.74
CL CL W . -18.29 5.07 18.87
CL CL X . -5.61 2.27 -3.86
MG MG Y . -7.44 -0.79 -6.03
MG MG Z . -9.12 1.43 9.48
MG MG AA . -13.14 -6.25 -4.52
MG MG BA . -3.31 -2.57 -9.94
C1 MPD CA . -0.61 5.92 1.50
C2 MPD CA . -1.97 5.98 2.20
O2 MPD CA . -1.93 7.03 3.19
CM MPD CA . -2.23 4.65 2.93
C3 MPD CA . -3.05 6.28 1.15
C4 MPD CA . -4.47 6.37 1.71
O4 MPD CA . -5.02 7.63 1.46
C5 MPD CA . -5.37 5.30 1.07
C1 MPD DA . -8.20 4.39 -25.73
C2 MPD DA . -8.80 5.77 -25.99
O2 MPD DA . -9.93 5.96 -25.11
CM MPD DA . -9.30 5.83 -27.43
C3 MPD DA . -7.76 6.88 -25.77
C4 MPD DA . -7.86 7.70 -24.47
O4 MPD DA . -9.20 7.79 -24.04
C5 MPD DA . -7.02 7.11 -23.35
C1 MPD EA . -21.46 5.53 8.48
C2 MPD EA . -21.53 5.88 9.97
O2 MPD EA . -22.65 5.16 10.53
CM MPD EA . -21.76 7.38 10.13
C3 MPD EA . -20.25 5.43 10.66
C4 MPD EA . -20.33 5.45 12.19
O4 MPD EA . -21.20 4.43 12.62
C5 MPD EA . -18.97 5.25 12.82
#